data_2PW2
#
_entry.id   2PW2
#
_cell.length_a   57.500
_cell.length_b   64.600
_cell.length_c   174.100
_cell.angle_alpha   90.00
_cell.angle_beta   90.00
_cell.angle_gamma   90.00
#
_symmetry.space_group_name_H-M   'P 21 21 21'
#
loop_
_entity.id
_entity.type
_entity.pdbx_description
1 polymer "2F5 Fab' heavy chain"
2 polymer "2F5 Fab' light chain"
3 polymer 'peptide epitope'
4 water water
#
loop_
_entity_poly.entity_id
_entity_poly.type
_entity_poly.pdbx_seq_one_letter_code
_entity_poly.pdbx_strand_id
1 'polypeptide(L)'
;ALQLTQSPSSLSASVGDRITITCRASQGVTSALAWYRQKPGSPPQLLIYDASSLESGVPSRFSGSGSGTEFTLTISTLRP
EDFATYYCQQLHFYPHTFGGGTRVDVRRTVAAPSVFIFPPSDEQLKSGTASVVCLLNNFYPREAKVQWKVDNALQSGNSQ
ESVTEQDSKDSTYSLSSTLTLSKADYEKHKVYECEVTHQGLSSPVTKSFNRGEC
;
A
2 'polypeptide(L)'
;RITLKESGPPLVKPTQTLTLTCSFSGFSLSDFGVGVGWIRQPPGKALEWLAIIYSDDDKRYSPSLNTRLTITKDTSKNQV
VLVMTRVSPVDTATYFCAHRRGPTTLFGVPIARGPVNAMDVWGQGITVTISSTSTKGPSVFPLAPSSKSTAGGTAALGCL
VKDYFPEPVTVSWNSGALTSGVHTFPAVLQSSGLYSLSSVVTVPSSSLGTQTYTCNVNHKPSNTKVDKRVEPKSC
;
B
3 'polypeptide(L)' ELDKWKSL C
#
# COMPACT_ATOMS: atom_id res chain seq x y z
N ALA A 1 -17.64 -11.47 8.94
CA ALA A 1 -18.56 -10.30 8.95
C ALA A 1 -19.10 -9.99 7.57
N LEU A 2 -19.44 -8.72 7.37
CA LEU A 2 -19.95 -8.28 6.08
C LEU A 2 -18.80 -8.03 5.13
N GLN A 3 -19.02 -8.60 3.97
CA GLN A 3 -18.14 -8.68 2.82
C GLN A 3 -18.34 -7.60 1.74
N LEU A 4 -17.30 -6.82 1.44
CA LEU A 4 -17.44 -5.78 0.41
C LEU A 4 -16.47 -6.03 -0.75
N THR A 5 -16.96 -6.73 -1.77
CA THR A 5 -16.18 -7.08 -2.95
C THR A 5 -16.27 -6.04 -4.06
N GLN A 6 -15.11 -5.50 -4.47
CA GLN A 6 -15.08 -4.50 -5.53
C GLN A 6 -14.73 -5.12 -6.86
N SER A 7 -15.34 -4.58 -7.92
CA SER A 7 -15.09 -5.06 -9.27
C SER A 7 -14.98 -3.90 -10.25
N PRO A 8 -13.88 -3.86 -11.02
CA PRO A 8 -12.83 -4.89 -10.92
C PRO A 8 -11.76 -4.43 -9.93
N SER A 9 -10.74 -5.24 -9.76
CA SER A 9 -9.66 -4.89 -8.83
C SER A 9 -8.74 -3.87 -9.48
N SER A 10 -8.53 -4.05 -10.78
CA SER A 10 -7.70 -3.13 -11.54
C SER A 10 -8.45 -2.80 -12.81
N LEU A 11 -8.27 -1.57 -13.28
CA LEU A 11 -8.98 -1.11 -14.46
C LEU A 11 -8.05 -0.25 -15.29
N SER A 12 -8.01 -0.53 -16.58
CA SER A 12 -7.18 0.23 -17.50
C SER A 12 -8.05 1.30 -18.17
N ALA A 13 -7.60 2.54 -18.15
CA ALA A 13 -8.39 3.59 -18.78
C ALA A 13 -7.56 4.74 -19.30
N SER A 14 -8.21 5.57 -20.11
CA SER A 14 -7.54 6.72 -20.71
C SER A 14 -8.37 7.96 -20.41
N VAL A 15 -7.74 9.12 -20.51
CA VAL A 15 -8.45 10.36 -20.25
C VAL A 15 -9.64 10.51 -21.17
N GLY A 16 -10.78 10.84 -20.59
CA GLY A 16 -12.00 11.02 -21.34
C GLY A 16 -12.88 9.78 -21.29
N ASP A 17 -12.34 8.68 -20.77
CA ASP A 17 -13.13 7.47 -20.69
C ASP A 17 -14.21 7.51 -19.63
N ARG A 18 -15.23 6.69 -19.83
CA ARG A 18 -16.31 6.59 -18.87
C ARG A 18 -16.09 5.26 -18.18
N ILE A 19 -15.86 5.29 -16.88
CA ILE A 19 -15.63 4.03 -16.18
C ILE A 19 -16.63 3.81 -15.09
N THR A 20 -16.80 2.54 -14.75
CA THR A 20 -17.70 2.19 -13.68
C THR A 20 -17.06 1.08 -12.86
N ILE A 21 -17.16 1.27 -11.55
CA ILE A 21 -16.63 0.36 -10.55
C ILE A 21 -17.84 -0.10 -9.76
N THR A 22 -17.86 -1.34 -9.32
CA THR A 22 -19.00 -1.81 -8.55
C THR A 22 -18.55 -2.38 -7.23
N CYS A 23 -19.39 -2.21 -6.22
CA CYS A 23 -19.07 -2.69 -4.89
C CYS A 23 -20.25 -3.56 -4.51
N ARG A 24 -19.97 -4.81 -4.19
CA ARG A 24 -21.01 -5.78 -3.87
C ARG A 24 -20.97 -6.25 -2.43
N ALA A 25 -22.09 -6.08 -1.73
CA ALA A 25 -22.19 -6.49 -0.32
C ALA A 25 -22.78 -7.89 -0.19
N SER A 26 -22.37 -8.61 0.86
CA SER A 26 -22.84 -9.96 1.11
C SER A 26 -24.23 -9.94 1.75
N GLN A 27 -24.61 -8.76 2.26
CA GLN A 27 -25.91 -8.57 2.90
C GLN A 27 -26.33 -7.16 2.51
N GLY A 28 -27.62 -6.89 2.54
CA GLY A 28 -28.07 -5.55 2.20
C GLY A 28 -27.50 -4.51 3.15
N VAL A 29 -27.07 -3.39 2.60
CA VAL A 29 -26.51 -2.31 3.40
C VAL A 29 -27.31 -1.04 3.10
N THR A 30 -28.49 -1.23 2.54
CA THR A 30 -29.39 -0.14 2.19
C THR A 30 -28.69 0.91 1.34
N SER A 31 -28.64 2.15 1.80
CA SER A 31 -27.98 3.18 1.03
C SER A 31 -26.73 3.66 1.78
N ALA A 32 -26.43 2.99 2.89
CA ALA A 32 -25.28 3.33 3.72
C ALA A 32 -23.97 2.90 3.07
N LEU A 33 -23.62 3.57 1.97
CA LEU A 33 -22.40 3.22 1.26
C LEU A 33 -21.70 4.45 0.75
N ALA A 34 -20.37 4.45 0.88
CA ALA A 34 -19.56 5.57 0.47
C ALA A 34 -18.46 5.18 -0.51
N TRP A 35 -18.16 6.10 -1.43
CA TRP A 35 -17.10 5.90 -2.39
C TRP A 35 -16.01 6.93 -2.13
N TYR A 36 -14.75 6.52 -2.27
CA TYR A 36 -13.62 7.39 -2.03
C TYR A 36 -12.56 7.23 -3.11
N ARG A 37 -11.79 8.28 -3.33
CA ARG A 37 -10.71 8.21 -4.28
C ARG A 37 -9.47 8.45 -3.44
N GLN A 38 -8.43 7.65 -3.67
CA GLN A 38 -7.21 7.83 -2.93
C GLN A 38 -6.05 7.90 -3.88
N LYS A 39 -5.34 9.01 -3.78
CA LYS A 39 -4.16 9.23 -4.59
C LYS A 39 -3.01 8.79 -3.72
N PRO A 40 -1.96 8.24 -4.35
CA PRO A 40 -0.79 7.77 -3.63
C PRO A 40 -0.22 8.87 -2.76
N GLY A 41 0.02 8.55 -1.49
CA GLY A 41 0.56 9.52 -0.57
C GLY A 41 -0.50 10.31 0.15
N SER A 42 -1.72 10.26 -0.36
CA SER A 42 -2.79 11.02 0.27
C SER A 42 -3.86 10.16 0.90
N PRO A 43 -4.68 10.78 1.76
CA PRO A 43 -5.75 10.01 2.39
C PRO A 43 -6.93 9.97 1.46
N PRO A 44 -7.82 9.00 1.68
CA PRO A 44 -9.03 8.80 0.89
C PRO A 44 -9.83 10.10 0.86
N GLN A 45 -10.48 10.39 -0.25
CA GLN A 45 -11.30 11.58 -0.33
C GLN A 45 -12.72 11.14 -0.66
N LEU A 46 -13.68 11.67 0.09
CA LEU A 46 -15.09 11.36 -0.11
C LEU A 46 -15.58 11.91 -1.45
N LEU A 47 -16.24 11.06 -2.22
CA LEU A 47 -16.81 11.46 -3.50
C LEU A 47 -18.31 11.34 -3.38
N ILE A 48 -18.75 10.16 -2.95
CA ILE A 48 -20.16 9.87 -2.80
C ILE A 48 -20.49 9.35 -1.41
N TYR A 49 -21.58 9.86 -0.85
CA TYR A 49 -22.05 9.43 0.46
C TYR A 49 -23.51 9.03 0.30
N ASP A 50 -23.95 8.06 1.09
CA ASP A 50 -25.34 7.61 1.01
C ASP A 50 -25.67 7.06 -0.36
N ALA A 51 -24.73 6.29 -0.92
CA ALA A 51 -24.85 5.64 -2.22
C ALA A 51 -24.93 6.53 -3.46
N SER A 52 -25.59 7.67 -3.36
CA SER A 52 -25.70 8.53 -4.54
C SER A 52 -25.53 10.01 -4.30
N SER A 53 -25.50 10.42 -3.04
CA SER A 53 -25.37 11.84 -2.77
C SER A 53 -23.98 12.36 -3.09
N LEU A 54 -23.94 13.36 -3.96
CA LEU A 54 -22.69 13.97 -4.37
C LEU A 54 -22.17 14.87 -3.25
N GLU A 55 -20.95 14.59 -2.80
CA GLU A 55 -20.34 15.36 -1.74
C GLU A 55 -19.92 16.73 -2.24
N SER A 56 -20.10 17.73 -1.39
CA SER A 56 -19.77 19.09 -1.73
C SER A 56 -18.30 19.26 -2.12
N GLY A 57 -18.07 19.94 -3.25
CA GLY A 57 -16.71 20.17 -3.71
C GLY A 57 -16.28 19.15 -4.74
N VAL A 58 -16.93 18.00 -4.72
CA VAL A 58 -16.60 16.93 -5.66
C VAL A 58 -17.19 17.19 -7.04
N PRO A 59 -16.39 17.02 -8.09
CA PRO A 59 -16.78 17.21 -9.49
C PRO A 59 -18.00 16.39 -9.87
N SER A 60 -18.85 16.97 -10.71
CA SER A 60 -20.06 16.30 -11.15
C SER A 60 -19.80 15.08 -12.01
N ARG A 61 -18.56 14.87 -12.45
CA ARG A 61 -18.29 13.70 -13.27
C ARG A 61 -18.37 12.41 -12.42
N PHE A 62 -18.40 12.57 -11.10
CA PHE A 62 -18.50 11.43 -10.21
C PHE A 62 -19.97 11.19 -9.91
N SER A 63 -20.36 9.93 -9.95
CA SER A 63 -21.75 9.56 -9.74
C SER A 63 -21.86 8.20 -9.08
N GLY A 64 -22.85 8.06 -8.19
CA GLY A 64 -23.03 6.79 -7.53
C GLY A 64 -24.47 6.33 -7.61
N SER A 65 -24.67 5.02 -7.78
CA SER A 65 -26.02 4.49 -7.83
C SER A 65 -26.09 3.12 -7.18
N GLY A 66 -27.30 2.63 -7.01
CA GLY A 66 -27.51 1.33 -6.40
C GLY A 66 -27.88 1.38 -4.93
N SER A 67 -28.41 0.26 -4.44
CA SER A 67 -28.80 0.12 -3.05
C SER A 67 -28.82 -1.38 -2.72
N GLY A 68 -28.87 -1.70 -1.44
CA GLY A 68 -28.90 -3.09 -1.05
C GLY A 68 -27.58 -3.83 -1.08
N THR A 69 -27.26 -4.44 -2.21
CA THR A 69 -26.04 -5.22 -2.31
C THR A 69 -25.21 -4.92 -3.55
N GLU A 70 -25.80 -4.14 -4.45
CA GLU A 70 -25.16 -3.78 -5.71
C GLU A 70 -24.94 -2.26 -5.82
N PHE A 71 -23.69 -1.83 -5.84
CA PHE A 71 -23.42 -0.40 -5.92
C PHE A 71 -22.42 -0.10 -7.03
N THR A 72 -22.62 1.00 -7.73
CA THR A 72 -21.71 1.37 -8.79
C THR A 72 -21.23 2.80 -8.67
N LEU A 73 -20.01 3.01 -9.12
CA LEU A 73 -19.40 4.32 -9.13
C LEU A 73 -19.15 4.61 -10.59
N THR A 74 -19.52 5.80 -11.03
CA THR A 74 -19.32 6.14 -12.41
C THR A 74 -18.56 7.44 -12.54
N ILE A 75 -17.52 7.42 -13.35
CA ILE A 75 -16.76 8.62 -13.62
C ILE A 75 -17.07 8.78 -15.11
N SER A 76 -17.92 9.74 -15.44
CA SER A 76 -18.31 9.94 -16.83
C SER A 76 -17.15 10.30 -17.77
N THR A 77 -16.30 11.24 -17.37
CA THR A 77 -15.17 11.62 -18.21
C THR A 77 -13.93 11.63 -17.36
N LEU A 78 -13.08 10.63 -17.54
CA LEU A 78 -11.87 10.52 -16.76
C LEU A 78 -10.90 11.68 -16.96
N ARG A 79 -10.43 12.23 -15.83
CA ARG A 79 -9.45 13.33 -15.86
C ARG A 79 -8.16 12.68 -15.31
N PRO A 80 -7.00 13.36 -15.45
CA PRO A 80 -5.73 12.82 -14.96
C PRO A 80 -5.68 12.49 -13.46
N GLU A 81 -6.40 13.26 -12.64
CA GLU A 81 -6.40 13.04 -11.20
C GLU A 81 -7.20 11.82 -10.79
N ASP A 82 -7.87 11.18 -11.74
CA ASP A 82 -8.67 10.02 -11.40
C ASP A 82 -7.88 8.73 -11.47
N PHE A 83 -6.67 8.83 -12.00
CA PHE A 83 -5.81 7.67 -12.05
C PHE A 83 -5.41 7.54 -10.59
N ALA A 84 -6.10 6.62 -9.92
CA ALA A 84 -5.91 6.40 -8.51
C ALA A 84 -6.61 5.12 -8.12
N THR A 85 -6.74 4.92 -6.82
CA THR A 85 -7.41 3.74 -6.33
C THR A 85 -8.71 4.19 -5.68
N TYR A 86 -9.75 3.40 -5.88
CA TYR A 86 -11.05 3.73 -5.35
C TYR A 86 -11.50 2.72 -4.32
N TYR A 87 -12.23 3.20 -3.33
CA TYR A 87 -12.71 2.32 -2.28
C TYR A 87 -14.15 2.56 -1.96
N CYS A 88 -14.83 1.49 -1.57
CA CYS A 88 -16.20 1.65 -1.15
C CYS A 88 -16.25 1.27 0.31
N GLN A 89 -17.20 1.85 1.00
CA GLN A 89 -17.34 1.59 2.41
C GLN A 89 -18.80 1.44 2.76
N GLN A 90 -19.05 0.50 3.64
CA GLN A 90 -20.36 0.17 4.09
C GLN A 90 -20.46 0.70 5.53
N LEU A 91 -21.56 1.39 5.84
CA LEU A 91 -21.76 1.95 7.18
C LEU A 91 -23.14 1.64 7.73
N HIS A 92 -23.67 0.50 7.32
CA HIS A 92 -24.97 0.04 7.75
C HIS A 92 -24.81 -0.92 8.93
N PHE A 93 -23.64 -1.55 8.98
CA PHE A 93 -23.32 -2.51 10.02
C PHE A 93 -21.97 -2.20 10.61
N TYR A 94 -21.76 -2.74 11.79
CA TYR A 94 -20.50 -2.63 12.48
C TYR A 94 -19.98 -4.04 12.29
N PRO A 95 -18.71 -4.18 11.91
CA PRO A 95 -17.81 -3.04 11.67
C PRO A 95 -18.03 -2.38 10.30
N HIS A 96 -17.72 -1.09 10.22
CA HIS A 96 -17.87 -0.33 8.97
C HIS A 96 -16.88 -0.79 7.89
N THR A 97 -17.23 -1.86 7.20
CA THR A 97 -16.38 -2.43 6.17
C THR A 97 -16.01 -1.61 4.94
N PHE A 98 -14.76 -1.81 4.52
CA PHE A 98 -14.22 -1.18 3.32
C PHE A 98 -14.01 -2.28 2.31
N GLY A 99 -14.09 -1.93 1.03
CA GLY A 99 -13.85 -2.91 -0.01
C GLY A 99 -12.34 -3.04 -0.24
N GLY A 100 -11.95 -3.95 -1.12
CA GLY A 100 -10.55 -4.17 -1.39
C GLY A 100 -9.89 -3.12 -2.27
N GLY A 101 -10.70 -2.28 -2.88
CA GLY A 101 -10.14 -1.23 -3.72
C GLY A 101 -10.09 -1.58 -5.20
N THR A 102 -10.10 -0.53 -6.03
CA THR A 102 -10.03 -0.67 -7.46
C THR A 102 -9.00 0.32 -7.95
N ARG A 103 -7.91 -0.19 -8.47
CA ARG A 103 -6.84 0.64 -8.99
C ARG A 103 -7.18 1.04 -10.42
N VAL A 104 -7.07 2.32 -10.71
CA VAL A 104 -7.35 2.80 -12.06
C VAL A 104 -6.06 3.36 -12.61
N ASP A 105 -5.46 2.66 -13.57
CA ASP A 105 -4.23 3.15 -14.14
C ASP A 105 -4.36 3.50 -15.62
N VAL A 106 -3.35 4.21 -16.11
CA VAL A 106 -3.30 4.65 -17.49
C VAL A 106 -3.17 3.45 -18.40
N ARG A 107 -4.09 3.32 -19.33
CA ARG A 107 -4.04 2.19 -20.26
C ARG A 107 -3.04 2.41 -21.35
N ARG A 108 -2.36 1.32 -21.69
CA ARG A 108 -1.41 1.33 -22.76
C ARG A 108 -1.41 -0.06 -23.34
N THR A 109 -0.66 -0.20 -24.41
CA THR A 109 -0.55 -1.47 -25.09
C THR A 109 0.07 -2.47 -24.14
N VAL A 110 -0.29 -3.73 -24.33
CA VAL A 110 0.23 -4.79 -23.52
C VAL A 110 1.72 -4.91 -23.78
N ALA A 111 2.49 -5.11 -22.71
CA ALA A 111 3.92 -5.24 -22.82
C ALA A 111 4.40 -6.27 -21.82
N ALA A 112 5.06 -7.30 -22.35
CA ALA A 112 5.58 -8.36 -21.50
C ALA A 112 6.84 -7.89 -20.77
N PRO A 113 7.10 -8.44 -19.59
CA PRO A 113 8.26 -8.10 -18.76
C PRO A 113 9.57 -8.68 -19.26
N SER A 114 10.63 -7.89 -19.19
CA SER A 114 11.96 -8.38 -19.56
C SER A 114 12.34 -9.04 -18.24
N VAL A 115 12.64 -10.33 -18.26
CA VAL A 115 12.97 -11.00 -17.01
C VAL A 115 14.47 -11.21 -16.86
N PHE A 116 14.93 -11.01 -15.64
CA PHE A 116 16.33 -11.14 -15.31
C PHE A 116 16.51 -11.80 -13.97
N ILE A 117 17.43 -12.75 -13.87
CA ILE A 117 17.65 -13.37 -12.58
C ILE A 117 19.06 -13.05 -12.11
N PHE A 118 19.17 -12.64 -10.86
CA PHE A 118 20.45 -12.29 -10.28
C PHE A 118 20.85 -13.21 -9.17
N PRO A 119 22.01 -13.86 -9.30
CA PRO A 119 22.38 -14.72 -8.19
C PRO A 119 22.97 -13.84 -7.11
N PRO A 120 23.11 -14.38 -5.91
CA PRO A 120 23.67 -13.69 -4.75
C PRO A 120 25.14 -13.39 -4.94
N SER A 121 25.60 -12.27 -4.40
CA SER A 121 26.99 -11.89 -4.52
C SER A 121 27.79 -12.74 -3.55
N ASP A 122 29.04 -13.03 -3.87
CA ASP A 122 29.86 -13.81 -2.96
C ASP A 122 30.11 -12.96 -1.75
N GLU A 123 29.98 -11.66 -1.95
CA GLU A 123 30.19 -10.75 -0.84
C GLU A 123 29.10 -10.99 0.20
N GLN A 124 27.88 -11.23 -0.27
CA GLN A 124 26.78 -11.48 0.64
C GLN A 124 26.92 -12.88 1.25
N LEU A 125 27.15 -13.87 0.39
CA LEU A 125 27.31 -15.26 0.84
C LEU A 125 28.28 -15.41 2.02
N LYS A 126 29.28 -14.53 2.08
CA LYS A 126 30.25 -14.57 3.17
C LYS A 126 29.59 -14.23 4.49
N SER A 127 28.57 -13.40 4.42
CA SER A 127 27.88 -12.99 5.64
C SER A 127 26.89 -14.04 6.12
N GLY A 128 26.75 -15.13 5.39
CA GLY A 128 25.84 -16.18 5.81
C GLY A 128 24.46 -16.16 5.22
N THR A 129 24.24 -15.25 4.27
CA THR A 129 22.93 -15.16 3.64
C THR A 129 23.02 -15.13 2.11
N ALA A 130 21.97 -15.63 1.47
CA ALA A 130 21.92 -15.67 0.01
C ALA A 130 20.61 -15.10 -0.50
N SER A 131 20.67 -13.98 -1.22
CA SER A 131 19.47 -13.37 -1.76
C SER A 131 19.43 -13.50 -3.26
N VAL A 132 18.38 -14.12 -3.78
CA VAL A 132 18.24 -14.28 -5.22
C VAL A 132 17.18 -13.28 -5.64
N VAL A 133 17.51 -12.47 -6.65
CA VAL A 133 16.60 -11.45 -7.12
C VAL A 133 16.14 -11.66 -8.54
N CYS A 134 14.83 -11.53 -8.74
CA CYS A 134 14.27 -11.68 -10.05
C CYS A 134 13.71 -10.33 -10.40
N LEU A 135 13.94 -9.90 -11.64
CA LEU A 135 13.44 -8.60 -12.08
C LEU A 135 12.55 -8.73 -13.30
N LEU A 136 11.36 -8.16 -13.17
CA LEU A 136 10.38 -8.12 -14.25
C LEU A 136 10.35 -6.64 -14.62
N ASN A 137 10.98 -6.32 -15.75
CA ASN A 137 11.10 -4.94 -16.19
C ASN A 137 10.07 -4.45 -17.23
N ASN A 138 9.55 -3.26 -16.97
CA ASN A 138 8.59 -2.57 -17.84
C ASN A 138 7.49 -3.43 -18.47
N PHE A 139 6.54 -3.88 -17.66
CA PHE A 139 5.47 -4.68 -18.21
C PHE A 139 4.13 -3.98 -18.06
N TYR A 140 3.12 -4.59 -18.66
CA TYR A 140 1.78 -4.05 -18.59
C TYR A 140 0.79 -5.03 -19.19
N PRO A 141 -0.35 -5.27 -18.50
CA PRO A 141 -0.77 -4.67 -17.24
C PRO A 141 0.06 -5.02 -16.00
N ARG A 142 -0.14 -4.24 -14.94
CA ARG A 142 0.56 -4.37 -13.65
C ARG A 142 0.44 -5.71 -12.97
N GLU A 143 -0.34 -6.59 -13.54
CA GLU A 143 -0.61 -7.86 -12.92
C GLU A 143 0.30 -9.00 -13.36
N ALA A 144 1.24 -9.34 -12.48
CA ALA A 144 2.20 -10.40 -12.78
C ALA A 144 2.38 -11.41 -11.66
N LYS A 145 2.85 -12.60 -12.01
CA LYS A 145 3.09 -13.64 -11.03
C LYS A 145 4.50 -14.16 -11.16
N VAL A 146 5.18 -14.30 -10.02
CA VAL A 146 6.54 -14.76 -9.96
C VAL A 146 6.58 -16.02 -9.10
N GLN A 147 7.12 -17.11 -9.66
CA GLN A 147 7.21 -18.38 -8.94
C GLN A 147 8.65 -18.87 -8.86
N TRP A 148 9.20 -18.89 -7.65
CA TRP A 148 10.56 -19.35 -7.48
C TRP A 148 10.64 -20.86 -7.39
N LYS A 149 11.66 -21.42 -8.02
CA LYS A 149 11.86 -22.85 -7.95
C LYS A 149 13.32 -23.11 -7.73
N VAL A 150 13.61 -23.99 -6.79
CA VAL A 150 14.97 -24.35 -6.45
C VAL A 150 15.04 -25.85 -6.66
N ASP A 151 15.84 -26.25 -7.65
CA ASP A 151 15.97 -27.67 -8.00
C ASP A 151 14.58 -28.27 -8.16
N ASN A 152 13.70 -27.49 -8.78
CA ASN A 152 12.33 -27.89 -9.04
C ASN A 152 11.38 -27.85 -7.88
N ALA A 153 11.90 -27.54 -6.70
CA ALA A 153 11.02 -27.47 -5.56
C ALA A 153 10.39 -26.09 -5.67
N LEU A 154 9.12 -26.00 -5.32
CA LEU A 154 8.43 -24.72 -5.38
C LEU A 154 8.73 -23.96 -4.12
N GLN A 155 9.05 -22.68 -4.25
CA GLN A 155 9.35 -21.90 -3.07
C GLN A 155 8.09 -21.22 -2.58
N SER A 156 7.95 -21.19 -1.26
CA SER A 156 6.81 -20.54 -0.64
C SER A 156 7.25 -20.02 0.71
N GLY A 157 6.81 -18.82 1.05
CA GLY A 157 7.14 -18.22 2.31
C GLY A 157 8.55 -17.66 2.44
N ASN A 158 9.33 -17.74 1.37
CA ASN A 158 10.70 -17.22 1.42
C ASN A 158 11.04 -16.15 0.39
N SER A 159 10.03 -15.41 -0.06
CA SER A 159 10.26 -14.36 -1.04
C SER A 159 9.39 -13.17 -0.74
N GLN A 160 9.83 -12.00 -1.19
CA GLN A 160 9.06 -10.78 -1.00
C GLN A 160 9.11 -10.04 -2.31
N GLU A 161 8.01 -9.38 -2.64
CA GLU A 161 7.91 -8.62 -3.89
C GLU A 161 7.78 -7.14 -3.63
N SER A 162 7.94 -6.37 -4.70
CA SER A 162 7.84 -4.93 -4.63
C SER A 162 7.59 -4.43 -6.05
N VAL A 163 6.54 -3.65 -6.24
CA VAL A 163 6.22 -3.12 -7.55
C VAL A 163 6.40 -1.62 -7.60
N THR A 164 6.87 -1.11 -8.73
CA THR A 164 7.04 0.31 -8.85
C THR A 164 5.69 0.88 -9.17
N GLU A 165 5.61 2.20 -9.14
CA GLU A 165 4.38 2.89 -9.46
C GLU A 165 4.41 3.04 -10.98
N GLN A 166 3.25 2.97 -11.62
CA GLN A 166 3.20 3.10 -13.06
C GLN A 166 4.11 4.26 -13.49
N ASP A 167 4.90 4.02 -14.52
CA ASP A 167 5.82 5.00 -15.04
C ASP A 167 5.07 6.13 -15.76
N SER A 168 5.37 7.37 -15.40
CA SER A 168 4.72 8.54 -15.98
C SER A 168 5.02 8.74 -17.46
N LYS A 169 5.92 7.92 -17.99
CA LYS A 169 6.35 8.05 -19.38
C LYS A 169 6.09 6.77 -20.19
N ASP A 170 6.27 5.63 -19.53
CA ASP A 170 6.08 4.30 -20.10
C ASP A 170 4.70 3.75 -19.88
N SER A 171 4.20 4.02 -18.68
CA SER A 171 2.91 3.54 -18.22
C SER A 171 3.09 2.05 -17.93
N THR A 172 4.32 1.67 -17.62
CA THR A 172 4.63 0.29 -17.30
C THR A 172 4.94 0.15 -15.83
N TYR A 173 5.03 -1.09 -15.40
CA TYR A 173 5.32 -1.41 -14.02
C TYR A 173 6.56 -2.27 -14.04
N SER A 174 7.25 -2.32 -12.91
CA SER A 174 8.44 -3.14 -12.79
C SER A 174 8.31 -3.82 -11.44
N LEU A 175 8.71 -5.08 -11.40
CA LEU A 175 8.60 -5.86 -10.18
C LEU A 175 9.91 -6.51 -9.74
N SER A 176 10.17 -6.44 -8.44
CA SER A 176 11.37 -7.04 -7.86
C SER A 176 10.96 -8.14 -6.92
N SER A 177 11.55 -9.32 -7.06
CA SER A 177 11.25 -10.40 -6.15
C SER A 177 12.55 -10.93 -5.60
N THR A 178 12.59 -11.08 -4.28
CA THR A 178 13.79 -11.55 -3.63
C THR A 178 13.56 -12.85 -2.89
N LEU A 179 14.25 -13.90 -3.33
CA LEU A 179 14.18 -15.19 -2.67
C LEU A 179 15.33 -15.13 -1.67
N THR A 180 15.06 -15.45 -0.42
CA THR A 180 16.12 -15.41 0.60
C THR A 180 16.32 -16.74 1.31
N LEU A 181 17.54 -17.25 1.27
CA LEU A 181 17.86 -18.50 1.93
C LEU A 181 19.12 -18.31 2.72
N SER A 182 19.43 -19.29 3.55
CA SER A 182 20.66 -19.27 4.31
C SER A 182 21.74 -19.71 3.33
N LYS A 183 22.98 -19.40 3.63
CA LYS A 183 24.06 -19.79 2.74
C LYS A 183 24.16 -21.30 2.68
N ALA A 184 24.05 -21.93 3.84
CA ALA A 184 24.15 -23.38 3.93
C ALA A 184 23.13 -24.03 3.01
N ASP A 185 21.92 -23.50 3.10
CA ASP A 185 20.78 -23.98 2.33
C ASP A 185 20.96 -23.69 0.85
N TYR A 186 21.44 -22.50 0.56
CA TYR A 186 21.67 -22.08 -0.81
C TYR A 186 22.63 -23.03 -1.49
N GLU A 187 23.66 -23.44 -0.76
CA GLU A 187 24.67 -24.32 -1.32
C GLU A 187 24.26 -25.77 -1.39
N LYS A 188 23.02 -26.06 -1.01
CA LYS A 188 22.52 -27.43 -1.07
C LYS A 188 21.76 -27.67 -2.37
N HIS A 189 21.77 -26.68 -3.25
CA HIS A 189 21.05 -26.82 -4.52
C HIS A 189 21.80 -26.18 -5.66
N LYS A 190 21.37 -26.52 -6.87
CA LYS A 190 22.02 -26.00 -8.06
C LYS A 190 21.17 -25.09 -8.91
N VAL A 191 19.99 -25.55 -9.29
CA VAL A 191 19.15 -24.73 -10.15
C VAL A 191 18.18 -23.81 -9.45
N TYR A 192 18.45 -22.52 -9.59
CA TYR A 192 17.63 -21.47 -9.03
C TYR A 192 16.87 -20.87 -10.21
N GLU A 193 15.55 -21.00 -10.15
CA GLU A 193 14.66 -20.57 -11.22
C GLU A 193 13.62 -19.52 -10.85
N CYS A 194 13.36 -18.61 -11.79
CA CYS A 194 12.36 -17.59 -11.60
C CYS A 194 11.35 -17.74 -12.72
N GLU A 195 10.16 -18.27 -12.41
CA GLU A 195 9.14 -18.44 -13.43
C GLU A 195 8.21 -17.24 -13.43
N VAL A 196 8.02 -16.65 -14.60
CA VAL A 196 7.17 -15.48 -14.70
C VAL A 196 5.95 -15.69 -15.57
N THR A 197 4.79 -15.40 -14.99
CA THR A 197 3.54 -15.53 -15.69
C THR A 197 2.98 -14.13 -15.87
N HIS A 198 2.64 -13.81 -17.11
CA HIS A 198 2.10 -12.51 -17.41
C HIS A 198 1.34 -12.53 -18.71
N GLN A 199 0.35 -11.67 -18.79
CA GLN A 199 -0.52 -11.56 -19.94
C GLN A 199 0.17 -11.38 -21.29
N GLY A 200 1.25 -10.61 -21.31
CA GLY A 200 1.96 -10.38 -22.55
C GLY A 200 2.87 -11.53 -22.94
N LEU A 201 2.76 -12.64 -22.22
CA LEU A 201 3.56 -13.82 -22.52
C LEU A 201 2.62 -14.98 -22.86
N SER A 202 2.88 -15.64 -23.99
CA SER A 202 2.04 -16.76 -24.41
C SER A 202 2.11 -17.86 -23.35
N SER A 203 3.32 -18.12 -22.88
CA SER A 203 3.53 -19.11 -21.83
C SER A 203 4.52 -18.51 -20.85
N PRO A 204 4.65 -19.12 -19.67
CA PRO A 204 5.56 -18.64 -18.63
C PRO A 204 7.01 -18.63 -19.06
N VAL A 205 7.69 -17.51 -18.81
CA VAL A 205 9.11 -17.42 -19.14
C VAL A 205 9.85 -17.75 -17.85
N THR A 206 10.91 -18.53 -17.96
CA THR A 206 11.71 -18.91 -16.81
C THR A 206 13.16 -18.53 -17.05
N LYS A 207 13.74 -17.82 -16.08
CA LYS A 207 15.13 -17.41 -16.14
C LYS A 207 15.83 -18.13 -15.02
N SER A 208 16.94 -18.78 -15.31
CA SER A 208 17.63 -19.50 -14.27
C SER A 208 19.13 -19.52 -14.41
N PHE A 209 19.75 -20.07 -13.38
CA PHE A 209 21.18 -20.22 -13.37
C PHE A 209 21.50 -21.41 -12.50
N ASN A 210 22.70 -21.93 -12.70
CA ASN A 210 23.16 -23.06 -11.93
C ASN A 210 24.19 -22.54 -10.98
N ARG A 211 23.92 -22.67 -9.69
CA ARG A 211 24.88 -22.22 -8.68
C ARG A 211 26.09 -23.09 -8.95
N GLY A 212 27.20 -22.44 -9.25
CA GLY A 212 28.39 -23.18 -9.58
C GLY A 212 28.70 -22.74 -11.00
N GLU A 213 28.34 -23.58 -11.98
CA GLU A 213 28.59 -23.24 -13.38
C GLU A 213 29.38 -21.96 -13.56
N CYS A 214 30.69 -22.11 -13.70
CA CYS A 214 31.55 -20.96 -13.91
C CYS A 214 32.15 -21.18 -15.28
N ARG B 1 -14.29 25.18 7.93
CA ARG B 1 -13.49 24.05 7.37
C ARG B 1 -13.12 23.07 8.48
N ILE B 2 -13.22 21.77 8.17
CA ILE B 2 -12.89 20.74 9.14
C ILE B 2 -11.54 20.10 8.85
N THR B 3 -10.75 19.90 9.90
CA THR B 3 -9.46 19.27 9.74
C THR B 3 -9.19 18.32 10.89
N LEU B 4 -8.48 17.25 10.57
CA LEU B 4 -8.09 16.28 11.56
C LEU B 4 -6.64 16.00 11.29
N LYS B 5 -5.91 15.64 12.32
CA LYS B 5 -4.51 15.33 12.17
C LYS B 5 -4.07 14.28 13.16
N GLU B 6 -3.30 13.31 12.66
CA GLU B 6 -2.85 12.23 13.51
C GLU B 6 -1.48 12.49 14.08
N SER B 7 -1.31 12.13 15.34
CA SER B 7 -0.02 12.32 15.97
C SER B 7 0.27 11.09 16.80
N GLY B 8 1.56 10.81 16.96
CA GLY B 8 1.96 9.64 17.73
C GLY B 8 3.35 9.27 17.29
N PRO B 9 3.85 8.14 17.77
CA PRO B 9 5.20 7.69 17.42
C PRO B 9 5.29 6.91 16.11
N PRO B 10 6.28 7.24 15.27
CA PRO B 10 6.47 6.55 14.00
C PRO B 10 6.99 5.12 14.17
N LEU B 11 7.61 4.86 15.33
CA LEU B 11 8.13 3.54 15.61
C LEU B 11 7.64 3.01 16.92
N VAL B 12 7.31 1.74 16.94
CA VAL B 12 6.89 1.08 18.15
C VAL B 12 7.42 -0.33 18.05
N LYS B 13 7.82 -0.87 19.19
CA LYS B 13 8.34 -2.21 19.22
C LYS B 13 7.23 -3.21 19.57
N PRO B 14 7.36 -4.43 19.05
CA PRO B 14 6.42 -5.52 19.27
C PRO B 14 6.18 -5.73 20.75
N THR B 15 4.92 -5.99 21.10
CA THR B 15 4.41 -6.24 22.45
C THR B 15 4.06 -4.92 23.11
N GLN B 16 4.54 -3.83 22.54
CA GLN B 16 4.27 -2.53 23.11
C GLN B 16 2.90 -1.95 22.81
N THR B 17 2.62 -0.83 23.49
CA THR B 17 1.36 -0.16 23.33
C THR B 17 1.51 1.06 22.45
N LEU B 18 0.60 1.19 21.51
CA LEU B 18 0.60 2.29 20.58
C LEU B 18 -0.52 3.24 20.94
N THR B 19 -0.17 4.50 21.13
CA THR B 19 -1.12 5.53 21.47
C THR B 19 -1.15 6.56 20.36
N LEU B 20 -2.26 6.63 19.66
CA LEU B 20 -2.40 7.58 18.58
C LEU B 20 -3.36 8.67 19.01
N THR B 21 -3.09 9.89 18.57
CA THR B 21 -3.95 11.02 18.89
C THR B 21 -4.45 11.72 17.64
N CYS B 22 -5.75 12.04 17.64
CA CYS B 22 -6.39 12.72 16.54
C CYS B 22 -6.86 14.06 17.03
N SER B 23 -6.18 15.10 16.59
CA SER B 23 -6.54 16.46 16.95
C SER B 23 -7.34 17.06 15.80
N PHE B 24 -8.52 17.56 16.11
CA PHE B 24 -9.36 18.13 15.07
C PHE B 24 -9.78 19.57 15.37
N SER B 25 -10.36 20.20 14.36
CA SER B 25 -10.86 21.56 14.48
C SER B 25 -11.93 21.76 13.41
N GLY B 26 -12.93 22.56 13.75
CA GLY B 26 -14.01 22.82 12.82
C GLY B 26 -15.30 22.16 13.28
N PHE B 27 -15.17 21.30 14.29
CA PHE B 27 -16.32 20.61 14.84
C PHE B 27 -16.05 20.20 16.28
N SER B 28 -17.10 19.92 17.03
CA SER B 28 -16.93 19.53 18.41
C SER B 28 -17.51 18.14 18.60
N LEU B 29 -16.99 17.39 19.56
CA LEU B 29 -17.54 16.07 19.83
C LEU B 29 -18.57 16.23 20.93
N SER B 30 -19.30 17.33 20.84
CA SER B 30 -20.37 17.65 21.75
C SER B 30 -21.51 17.98 20.78
N ASP B 31 -21.14 17.99 19.50
CA ASP B 31 -22.06 18.26 18.41
C ASP B 31 -22.87 17.01 18.17
N PHE B 32 -24.16 17.17 17.90
CA PHE B 32 -25.03 16.04 17.73
C PHE B 32 -24.71 14.99 16.67
N GLY B 33 -24.61 13.73 17.12
CA GLY B 33 -24.35 12.62 16.22
C GLY B 33 -22.97 12.47 15.62
N VAL B 34 -22.13 13.46 15.82
CA VAL B 34 -20.79 13.43 15.29
C VAL B 34 -19.94 12.29 15.81
N GLY B 35 -19.12 11.75 14.92
CA GLY B 35 -18.24 10.69 15.30
C GLY B 35 -16.86 10.92 14.72
N VAL B 36 -15.88 10.25 15.30
CA VAL B 36 -14.51 10.33 14.83
C VAL B 36 -14.12 8.86 14.78
N GLY B 37 -13.63 8.43 13.62
CA GLY B 37 -13.24 7.04 13.48
C GLY B 37 -11.79 6.91 13.07
N TRP B 38 -11.25 5.72 13.26
CA TRP B 38 -9.88 5.40 12.92
C TRP B 38 -9.90 4.34 11.83
N ILE B 39 -9.03 4.49 10.84
CA ILE B 39 -8.91 3.54 9.75
C ILE B 39 -7.43 3.42 9.45
N ARG B 40 -6.92 2.21 9.27
CA ARG B 40 -5.51 2.09 8.97
C ARG B 40 -5.28 1.55 7.57
N GLN B 41 -4.04 1.63 7.12
CA GLN B 41 -3.72 1.15 5.81
C GLN B 41 -2.31 0.59 5.76
N PRO B 42 -2.19 -0.74 5.71
CA PRO B 42 -0.86 -1.34 5.64
C PRO B 42 -0.25 -0.90 4.31
N PRO B 43 1.09 -0.88 4.23
CA PRO B 43 1.79 -0.48 3.01
C PRO B 43 1.31 -1.34 1.85
N GLY B 44 0.76 -0.71 0.82
CA GLY B 44 0.29 -1.45 -0.33
C GLY B 44 -1.04 -2.15 -0.16
N LYS B 45 -1.77 -1.88 0.90
CA LYS B 45 -3.03 -2.58 1.07
C LYS B 45 -4.31 -1.76 1.15
N ALA B 46 -5.42 -2.45 1.37
CA ALA B 46 -6.71 -1.80 1.45
C ALA B 46 -6.93 -1.17 2.81
N LEU B 47 -7.97 -0.33 2.90
CA LEU B 47 -8.32 0.32 4.14
C LEU B 47 -8.95 -0.71 5.06
N GLU B 48 -8.68 -0.57 6.35
CA GLU B 48 -9.23 -1.47 7.36
C GLU B 48 -9.83 -0.61 8.46
N TRP B 49 -11.11 -0.80 8.72
CA TRP B 49 -11.81 -0.04 9.75
C TRP B 49 -11.41 -0.51 11.13
N LEU B 50 -11.07 0.44 12.01
CA LEU B 50 -10.65 0.11 13.36
C LEU B 50 -11.64 0.38 14.46
N ALA B 51 -12.19 1.59 14.49
CA ALA B 51 -13.14 1.97 15.53
C ALA B 51 -13.72 3.35 15.28
N ILE B 52 -14.71 3.70 16.10
CA ILE B 52 -15.33 5.00 16.01
C ILE B 52 -15.93 5.35 17.35
N ILE B 53 -15.95 6.65 17.64
CA ILE B 53 -16.51 7.14 18.87
C ILE B 53 -17.37 8.35 18.51
N TYR B 54 -18.53 8.48 19.17
CA TYR B 54 -19.43 9.59 18.91
C TYR B 54 -19.54 10.54 20.08
N SER B 55 -20.16 11.68 19.81
CA SER B 55 -20.36 12.73 20.80
C SER B 55 -21.07 12.27 22.06
N ASP B 56 -21.85 11.19 21.97
CA ASP B 56 -22.55 10.72 23.17
C ASP B 56 -21.70 9.67 23.89
N ASP B 57 -20.44 9.55 23.46
CA ASP B 57 -19.45 8.61 24.01
C ASP B 57 -19.72 7.16 23.64
N ASP B 58 -20.55 6.97 22.62
CA ASP B 58 -20.88 5.66 22.12
C ASP B 58 -19.62 5.17 21.39
N LYS B 59 -19.23 3.92 21.65
CA LYS B 59 -18.02 3.38 21.04
C LYS B 59 -18.23 2.05 20.35
N ARG B 60 -17.54 1.87 19.24
CA ARG B 60 -17.62 0.64 18.48
C ARG B 60 -16.22 0.30 17.99
N TYR B 61 -15.88 -0.99 18.05
CA TYR B 61 -14.57 -1.46 17.65
C TYR B 61 -14.61 -2.54 16.59
N SER B 62 -13.46 -2.75 15.98
CA SER B 62 -13.31 -3.81 15.00
C SER B 62 -13.34 -5.08 15.82
N PRO B 63 -14.18 -6.04 15.44
CA PRO B 63 -14.32 -7.32 16.13
C PRO B 63 -13.00 -8.07 16.29
N SER B 64 -12.19 -8.05 15.24
CA SER B 64 -10.91 -8.74 15.23
C SER B 64 -9.81 -8.02 16.00
N LEU B 65 -10.05 -6.76 16.35
CA LEU B 65 -9.02 -6.01 17.07
C LEU B 65 -9.47 -5.58 18.46
N ASN B 66 -10.73 -5.85 18.72
CA ASN B 66 -11.39 -5.54 19.97
C ASN B 66 -10.54 -5.61 21.24
N THR B 67 -10.02 -6.80 21.56
CA THR B 67 -9.23 -6.98 22.77
C THR B 67 -8.02 -6.08 22.91
N ARG B 68 -7.60 -5.44 21.83
CA ARG B 68 -6.42 -4.59 21.88
C ARG B 68 -6.66 -3.10 21.66
N LEU B 69 -7.90 -2.70 21.41
CA LEU B 69 -8.18 -1.30 21.15
C LEU B 69 -9.00 -0.62 22.20
N THR B 70 -8.72 0.67 22.37
CA THR B 70 -9.46 1.49 23.30
C THR B 70 -9.59 2.84 22.61
N ILE B 71 -10.80 3.32 22.43
CA ILE B 71 -10.94 4.63 21.80
C ILE B 71 -11.52 5.55 22.84
N THR B 72 -11.10 6.79 22.81
CA THR B 72 -11.56 7.72 23.82
C THR B 72 -11.53 9.14 23.27
N LYS B 73 -12.28 10.03 23.90
CA LYS B 73 -12.30 11.40 23.42
C LYS B 73 -12.15 12.40 24.54
N ASP B 74 -11.58 13.56 24.19
CA ASP B 74 -11.45 14.64 25.14
C ASP B 74 -12.17 15.78 24.47
N THR B 75 -13.46 15.89 24.77
CA THR B 75 -14.29 16.92 24.17
C THR B 75 -13.71 18.31 24.28
N SER B 76 -13.12 18.61 25.44
CA SER B 76 -12.57 19.93 25.69
C SER B 76 -11.34 20.25 24.85
N LYS B 77 -10.48 19.28 24.56
CA LYS B 77 -9.36 19.65 23.72
C LYS B 77 -9.37 19.05 22.33
N ASN B 78 -10.58 18.85 21.80
CA ASN B 78 -10.78 18.28 20.48
C ASN B 78 -9.69 17.27 20.19
N GLN B 79 -9.79 16.14 20.86
CA GLN B 79 -8.82 15.09 20.70
C GLN B 79 -9.49 13.76 20.88
N VAL B 80 -9.23 12.85 19.95
CA VAL B 80 -9.76 11.51 20.04
C VAL B 80 -8.51 10.66 20.12
N VAL B 81 -8.47 9.74 21.08
CA VAL B 81 -7.31 8.88 21.21
C VAL B 81 -7.59 7.41 20.98
N LEU B 82 -6.62 6.75 20.37
CA LEU B 82 -6.74 5.34 20.08
C LEU B 82 -5.55 4.65 20.71
N VAL B 83 -5.82 3.70 21.59
CA VAL B 83 -4.75 2.96 22.23
C VAL B 83 -4.77 1.55 21.68
N MET B 84 -3.63 1.08 21.20
CA MET B 84 -3.53 -0.25 20.67
C MET B 84 -2.48 -1.01 21.45
N THR B 85 -2.92 -1.94 22.27
CA THR B 85 -2.00 -2.72 23.08
C THR B 85 -1.35 -3.85 22.29
N ARG B 86 -0.19 -4.27 22.79
CA ARG B 86 0.62 -5.33 22.21
C ARG B 86 0.56 -5.51 20.70
N VAL B 87 1.31 -4.66 20.02
CA VAL B 87 1.39 -4.67 18.57
C VAL B 87 2.40 -5.67 18.03
N SER B 88 2.20 -6.03 16.78
CA SER B 88 3.08 -6.93 16.05
C SER B 88 3.35 -6.19 14.76
N PRO B 89 4.33 -6.65 13.99
CA PRO B 89 4.66 -6.01 12.71
C PRO B 89 3.47 -5.87 11.76
N VAL B 90 2.46 -6.74 11.90
CA VAL B 90 1.28 -6.63 11.03
C VAL B 90 0.53 -5.36 11.34
N ASP B 91 0.80 -4.76 12.50
CA ASP B 91 0.13 -3.53 12.86
C ASP B 91 0.75 -2.35 12.12
N THR B 92 1.86 -2.60 11.44
CA THR B 92 2.58 -1.60 10.67
C THR B 92 1.64 -1.07 9.60
N ALA B 93 1.38 0.23 9.61
CA ALA B 93 0.48 0.81 8.64
C ALA B 93 0.40 2.32 8.75
N THR B 94 -0.46 2.92 7.93
CA THR B 94 -0.69 4.35 8.02
C THR B 94 -2.03 4.38 8.74
N TYR B 95 -2.12 5.20 9.77
CA TYR B 95 -3.32 5.33 10.57
C TYR B 95 -4.01 6.65 10.34
N PHE B 96 -5.26 6.58 9.94
CA PHE B 96 -6.03 7.79 9.69
C PHE B 96 -7.16 7.90 10.70
N CYS B 97 -7.49 9.14 11.05
CA CYS B 97 -8.66 9.33 11.89
C CYS B 97 -9.55 10.12 10.94
N ALA B 98 -10.86 10.04 11.12
CA ALA B 98 -11.73 10.75 10.21
C ALA B 98 -13.04 11.12 10.86
N HIS B 99 -13.59 12.19 10.32
CA HIS B 99 -14.84 12.74 10.79
C HIS B 99 -16.05 12.08 10.16
N ARG B 100 -17.09 11.90 10.97
CA ARG B 100 -18.34 11.35 10.47
C ARG B 100 -19.42 12.35 10.85
N ARG B 101 -20.17 12.79 9.87
CA ARG B 101 -21.25 13.73 10.13
C ARG B 101 -22.36 13.06 10.88
N GLY B 102 -23.05 13.87 11.68
CA GLY B 102 -24.20 13.41 12.43
C GLY B 102 -25.39 13.79 11.56
N PRO B 103 -26.61 13.37 11.93
CA PRO B 103 -27.81 13.68 11.18
C PRO B 103 -28.15 15.12 11.08
N THR B 104 -28.81 15.44 9.99
CA THR B 104 -29.18 16.79 9.78
C THR B 104 -30.33 17.08 10.68
N THR B 105 -30.15 18.21 11.33
CA THR B 105 -31.06 18.65 12.33
C THR B 105 -31.67 19.93 11.90
N LEU B 106 -32.95 20.12 12.16
CA LEU B 106 -33.60 21.33 11.73
C LEU B 106 -34.16 21.73 13.05
N PHE B 107 -33.82 22.95 13.45
CA PHE B 107 -34.20 23.37 14.77
C PHE B 107 -34.12 22.09 15.61
N GLY B 108 -35.26 21.70 16.13
CA GLY B 108 -35.22 20.53 16.94
C GLY B 108 -34.66 19.48 16.08
N VAL B 109 -35.39 19.24 15.05
CA VAL B 109 -35.17 18.11 14.26
C VAL B 109 -34.36 17.60 13.25
N PRO B 110 -34.08 16.27 13.31
CA PRO B 110 -33.39 15.43 12.43
C PRO B 110 -34.39 15.20 11.29
N ILE B 111 -34.15 15.82 10.14
CA ILE B 111 -34.97 15.67 8.97
C ILE B 111 -34.17 14.68 8.10
N ALA B 112 -32.83 14.76 8.16
CA ALA B 112 -31.95 13.97 7.30
C ALA B 112 -30.88 13.06 7.89
N ARG B 113 -30.86 11.79 7.50
CA ARG B 113 -29.83 10.94 8.06
C ARG B 113 -28.85 10.35 7.05
N GLY B 114 -28.99 10.73 5.79
CA GLY B 114 -28.10 10.23 4.76
C GLY B 114 -26.64 10.66 4.90
N PRO B 115 -26.37 11.85 5.45
CA PRO B 115 -25.01 12.36 5.64
C PRO B 115 -24.12 11.57 6.58
N VAL B 116 -24.71 10.69 7.38
CA VAL B 116 -23.88 9.91 8.27
C VAL B 116 -23.29 8.76 7.50
N ASN B 117 -23.77 8.55 6.28
CA ASN B 117 -23.26 7.44 5.50
C ASN B 117 -21.99 7.69 4.74
N ALA B 118 -20.96 8.04 5.51
CA ALA B 118 -19.63 8.30 4.99
C ALA B 118 -18.77 8.96 6.04
N MET B 119 -17.47 8.93 5.80
CA MET B 119 -16.50 9.59 6.65
C MET B 119 -16.09 10.68 5.65
N ASP B 120 -16.65 11.87 5.84
CA ASP B 120 -16.42 12.98 4.91
C ASP B 120 -15.09 13.70 4.95
N VAL B 121 -14.44 13.71 6.10
CA VAL B 121 -13.15 14.39 6.17
C VAL B 121 -12.13 13.54 6.86
N TRP B 122 -11.01 13.38 6.18
CA TRP B 122 -9.94 12.56 6.69
C TRP B 122 -8.71 13.34 7.01
N GLY B 123 -7.93 12.78 7.92
CA GLY B 123 -6.69 13.43 8.27
C GLY B 123 -5.65 12.83 7.35
N GLN B 124 -4.57 13.58 7.24
CA GLN B 124 -3.39 13.24 6.48
C GLN B 124 -2.94 11.79 6.74
N GLY B 125 -2.98 11.37 8.00
CA GLY B 125 -2.60 10.01 8.32
C GLY B 125 -1.20 9.94 8.89
N ILE B 126 -0.96 9.00 9.79
CA ILE B 126 0.36 8.87 10.38
C ILE B 126 0.90 7.47 10.16
N THR B 127 2.16 7.42 9.76
CA THR B 127 2.83 6.17 9.47
C THR B 127 3.49 5.57 10.71
N VAL B 128 3.10 4.35 11.03
CA VAL B 128 3.65 3.67 12.19
C VAL B 128 4.28 2.34 11.78
N THR B 129 5.52 2.13 12.21
CA THR B 129 6.22 0.90 11.89
C THR B 129 6.46 0.11 13.18
N ILE B 130 6.29 -1.20 13.13
CA ILE B 130 6.50 -2.04 14.30
C ILE B 130 7.73 -2.94 14.07
N SER B 131 8.82 -2.61 14.75
CA SER B 131 10.07 -3.37 14.68
C SER B 131 10.74 -3.34 16.04
N SER B 132 11.34 -4.47 16.39
CA SER B 132 12.06 -4.60 17.64
C SER B 132 13.46 -4.15 17.28
N THR B 133 13.59 -3.74 16.04
CA THR B 133 14.85 -3.35 15.49
C THR B 133 15.44 -1.98 15.79
N SER B 134 16.77 -1.95 15.77
CA SER B 134 17.51 -0.73 16.04
C SER B 134 18.09 -0.09 14.79
N THR B 135 18.35 1.21 14.88
CA THR B 135 18.91 1.93 13.74
C THR B 135 20.09 1.18 13.18
N LYS B 136 20.02 0.87 11.89
CA LYS B 136 21.07 0.11 11.26
C LYS B 136 21.29 0.38 9.78
N GLY B 137 22.55 0.55 9.41
CA GLY B 137 22.92 0.82 8.04
C GLY B 137 22.83 -0.40 7.15
N PRO B 138 22.62 -0.21 5.85
CA PRO B 138 22.52 -1.32 4.91
C PRO B 138 23.85 -1.89 4.39
N SER B 139 23.76 -3.13 3.94
CA SER B 139 24.88 -3.83 3.33
C SER B 139 24.48 -3.69 1.88
N VAL B 140 25.36 -3.18 1.03
CA VAL B 140 25.02 -3.04 -0.37
C VAL B 140 25.69 -4.14 -1.15
N PHE B 141 24.89 -4.84 -1.95
CA PHE B 141 25.41 -5.94 -2.73
C PHE B 141 25.14 -5.71 -4.19
N PRO B 142 26.02 -6.22 -5.04
CA PRO B 142 25.82 -6.03 -6.48
C PRO B 142 24.83 -7.04 -7.07
N LEU B 143 24.10 -6.59 -8.08
CA LEU B 143 23.18 -7.43 -8.82
C LEU B 143 23.76 -7.31 -10.21
N ALA B 144 24.44 -8.36 -10.64
CA ALA B 144 25.04 -8.36 -11.95
C ALA B 144 24.53 -9.49 -12.80
N PRO B 145 24.42 -9.23 -14.11
CA PRO B 145 23.97 -10.13 -15.19
C PRO B 145 24.02 -11.60 -14.80
N THR B 154 19.04 -5.64 -24.46
CA THR B 154 19.03 -4.82 -23.24
C THR B 154 19.50 -5.64 -22.02
N ALA B 155 20.38 -5.06 -21.21
CA ALA B 155 20.92 -5.71 -20.01
C ALA B 155 20.48 -5.08 -18.68
N ALA B 156 20.23 -5.91 -17.68
CA ALA B 156 19.79 -5.42 -16.38
C ALA B 156 20.94 -5.39 -15.39
N LEU B 157 20.77 -4.62 -14.33
CA LEU B 157 21.86 -4.49 -13.38
C LEU B 157 21.41 -3.70 -12.17
N GLY B 158 22.11 -3.84 -11.05
CA GLY B 158 21.69 -3.09 -9.88
C GLY B 158 22.38 -3.35 -8.55
N CYS B 159 21.80 -2.75 -7.52
CA CYS B 159 22.29 -2.89 -6.14
C CYS B 159 21.18 -3.37 -5.23
N LEU B 160 21.56 -4.24 -4.30
CA LEU B 160 20.64 -4.79 -3.32
C LEU B 160 21.00 -4.04 -2.06
N VAL B 161 20.11 -3.16 -1.62
CA VAL B 161 20.32 -2.39 -0.41
C VAL B 161 19.61 -3.15 0.70
N LYS B 162 20.37 -3.95 1.43
CA LYS B 162 19.80 -4.82 2.43
C LYS B 162 20.08 -4.68 3.92
N ASP B 163 19.07 -5.03 4.70
CA ASP B 163 19.10 -5.02 6.15
C ASP B 163 19.39 -3.70 6.84
N TYR B 164 18.57 -2.71 6.54
CA TYR B 164 18.74 -1.42 7.16
C TYR B 164 17.47 -1.05 7.88
N PHE B 165 17.60 -0.03 8.72
CA PHE B 165 16.50 0.43 9.49
C PHE B 165 16.91 1.72 10.14
N PRO B 166 15.99 2.68 10.18
CA PRO B 166 14.65 2.49 9.63
C PRO B 166 14.65 3.09 8.23
N GLU B 167 13.45 3.38 7.74
CA GLU B 167 13.33 4.02 6.43
C GLU B 167 13.71 5.47 6.73
N PRO B 168 14.12 6.22 5.72
CA PRO B 168 14.25 5.75 4.34
C PRO B 168 15.71 5.66 3.91
N VAL B 169 15.91 5.41 2.62
CA VAL B 169 17.24 5.30 2.06
C VAL B 169 17.22 5.87 0.65
N THR B 170 18.25 6.59 0.26
CA THR B 170 18.29 7.16 -1.08
C THR B 170 19.23 6.35 -1.96
N VAL B 171 18.83 6.19 -3.20
CA VAL B 171 19.61 5.43 -4.17
C VAL B 171 19.73 6.24 -5.44
N SER B 172 20.96 6.49 -5.87
CA SER B 172 21.17 7.22 -7.10
C SER B 172 22.18 6.46 -7.91
N TRP B 173 22.14 6.64 -9.23
CA TRP B 173 23.08 5.98 -10.10
C TRP B 173 24.01 6.97 -10.75
N ASN B 174 25.31 6.68 -10.67
CA ASN B 174 26.37 7.51 -11.22
C ASN B 174 26.27 8.93 -10.72
N SER B 175 26.13 9.05 -9.41
CA SER B 175 26.04 10.32 -8.72
C SER B 175 24.96 11.23 -9.26
N GLY B 176 23.89 10.63 -9.78
CA GLY B 176 22.78 11.41 -10.30
C GLY B 176 22.74 11.59 -11.80
N ALA B 177 23.80 11.24 -12.51
CA ALA B 177 23.83 11.41 -13.95
C ALA B 177 23.00 10.36 -14.70
N LEU B 178 22.93 9.16 -14.16
CA LEU B 178 22.15 8.10 -14.78
C LEU B 178 20.78 8.06 -14.15
N THR B 179 19.76 8.26 -14.96
CA THR B 179 18.38 8.26 -14.46
C THR B 179 17.45 7.46 -15.34
N SER B 180 17.77 7.38 -16.63
CA SER B 180 16.95 6.65 -17.56
C SER B 180 17.16 5.14 -17.48
N GLY B 181 16.08 4.41 -17.27
CA GLY B 181 16.17 2.97 -17.18
C GLY B 181 16.36 2.53 -15.73
N VAL B 182 16.24 3.47 -14.80
CA VAL B 182 16.39 3.18 -13.39
C VAL B 182 15.06 2.79 -12.73
N HIS B 183 15.14 1.88 -11.77
CA HIS B 183 13.98 1.45 -11.04
C HIS B 183 14.38 1.13 -9.63
N THR B 184 14.07 2.03 -8.72
CA THR B 184 14.37 1.79 -7.32
C THR B 184 13.07 1.30 -6.75
N PHE B 185 13.08 0.05 -6.32
CA PHE B 185 11.88 -0.54 -5.78
C PHE B 185 11.57 -0.17 -4.36
N PRO B 186 10.28 -0.14 -4.04
CA PRO B 186 9.89 0.21 -2.67
C PRO B 186 10.43 -0.93 -1.79
N ALA B 187 10.82 -0.57 -0.57
CA ALA B 187 11.39 -1.53 0.37
C ALA B 187 10.36 -2.42 1.06
N VAL B 188 10.76 -3.66 1.33
CA VAL B 188 9.91 -4.61 2.05
C VAL B 188 10.48 -4.73 3.45
N LEU B 189 9.58 -4.79 4.43
CA LEU B 189 9.97 -4.93 5.83
C LEU B 189 10.11 -6.44 6.03
N GLN B 190 11.33 -6.91 6.27
CA GLN B 190 11.57 -8.34 6.44
C GLN B 190 11.14 -8.87 7.80
N SER B 191 10.96 -10.17 7.88
CA SER B 191 10.57 -10.77 9.15
C SER B 191 11.58 -10.37 10.21
N SER B 192 12.76 -9.98 9.77
CA SER B 192 13.82 -9.58 10.69
C SER B 192 13.60 -8.19 11.27
N GLY B 193 12.66 -7.44 10.71
CA GLY B 193 12.40 -6.09 11.19
C GLY B 193 13.28 -5.07 10.49
N LEU B 194 13.98 -5.53 9.47
CA LEU B 194 14.85 -4.68 8.69
C LEU B 194 14.31 -4.57 7.28
N TYR B 195 14.62 -3.45 6.65
CA TYR B 195 14.17 -3.23 5.30
C TYR B 195 15.16 -3.76 4.30
N SER B 196 14.65 -4.04 3.11
CA SER B 196 15.50 -4.50 2.04
C SER B 196 14.91 -3.88 0.80
N LEU B 197 15.78 -3.44 -0.08
CA LEU B 197 15.33 -2.77 -1.27
C LEU B 197 16.31 -3.01 -2.40
N SER B 198 15.84 -2.83 -3.62
CA SER B 198 16.70 -3.01 -4.76
C SER B 198 16.51 -1.88 -5.73
N SER B 199 17.60 -1.54 -6.40
CA SER B 199 17.58 -0.50 -7.40
C SER B 199 18.27 -1.15 -8.58
N VAL B 200 17.59 -1.15 -9.71
CA VAL B 200 18.16 -1.76 -10.90
C VAL B 200 18.12 -0.75 -12.03
N VAL B 201 18.91 -1.00 -13.05
CA VAL B 201 18.90 -0.14 -14.21
C VAL B 201 19.18 -0.98 -15.45
N THR B 202 18.41 -0.74 -16.50
CA THR B 202 18.60 -1.46 -17.74
C THR B 202 19.33 -0.54 -18.69
N VAL B 203 20.18 -1.15 -19.51
CA VAL B 203 20.95 -0.41 -20.47
C VAL B 203 21.24 -1.28 -21.69
N PRO B 204 21.89 -0.68 -22.68
CA PRO B 204 22.28 -1.35 -23.94
C PRO B 204 23.51 -2.21 -23.65
N SER B 205 23.32 -3.52 -23.77
CA SER B 205 24.38 -4.50 -23.52
C SER B 205 25.72 -4.10 -24.13
N SER B 206 25.71 -3.02 -24.90
CA SER B 206 26.91 -2.52 -25.56
C SER B 206 27.82 -1.78 -24.59
N SER B 207 27.24 -1.09 -23.63
CA SER B 207 28.01 -0.29 -22.69
C SER B 207 28.52 -1.01 -21.44
N GLN B 211 30.70 2.44 -20.49
CA GLN B 211 30.09 3.24 -19.43
C GLN B 211 30.07 2.44 -18.13
N THR B 212 30.44 3.07 -17.01
CA THR B 212 30.44 2.38 -15.72
C THR B 212 29.17 2.67 -14.92
N TYR B 213 28.79 1.71 -14.09
CA TYR B 213 27.58 1.84 -13.29
C TYR B 213 27.86 1.72 -11.81
N THR B 214 27.51 2.80 -11.10
CA THR B 214 27.74 2.86 -9.66
C THR B 214 26.49 3.31 -8.91
N CYS B 215 26.21 2.65 -7.78
CA CYS B 215 25.07 2.99 -6.95
C CYS B 215 25.53 3.92 -5.86
N ASN B 216 24.75 4.94 -5.63
CA ASN B 216 25.06 5.90 -4.59
C ASN B 216 23.96 5.65 -3.59
N VAL B 217 24.33 5.00 -2.51
CA VAL B 217 23.38 4.64 -1.47
C VAL B 217 23.61 5.45 -0.21
N ASN B 218 22.54 6.03 0.30
CA ASN B 218 22.65 6.82 1.51
C ASN B 218 21.48 6.58 2.43
N HIS B 219 21.80 6.14 3.64
CA HIS B 219 20.80 5.89 4.68
C HIS B 219 21.18 6.84 5.79
N LYS B 220 20.63 8.05 5.76
CA LYS B 220 20.94 9.07 6.75
C LYS B 220 20.79 8.67 8.22
N PRO B 221 19.73 7.94 8.57
CA PRO B 221 19.55 7.55 9.98
C PRO B 221 20.77 6.88 10.58
N SER B 222 21.37 5.95 9.84
CA SER B 222 22.55 5.24 10.31
C SER B 222 23.84 5.95 9.93
N ASN B 223 23.72 6.98 9.10
CA ASN B 223 24.89 7.69 8.63
C ASN B 223 25.73 6.72 7.82
N THR B 224 25.05 5.87 7.07
CA THR B 224 25.69 4.86 6.25
C THR B 224 25.67 5.31 4.80
N LYS B 225 26.85 5.65 4.28
CA LYS B 225 26.96 6.14 2.91
C LYS B 225 27.82 5.20 2.06
N VAL B 226 27.26 4.74 0.94
CA VAL B 226 27.97 3.79 0.10
C VAL B 226 27.95 4.00 -1.41
N ASP B 227 29.12 3.88 -2.03
CA ASP B 227 29.24 3.97 -3.47
C ASP B 227 29.57 2.57 -3.94
N LYS B 228 28.82 2.12 -4.94
CA LYS B 228 28.96 0.77 -5.39
C LYS B 228 29.01 0.54 -6.89
N ARG B 229 30.21 0.28 -7.40
CA ARG B 229 30.40 0.02 -8.81
C ARG B 229 29.92 -1.40 -9.09
N VAL B 230 29.22 -1.57 -10.20
CA VAL B 230 28.68 -2.88 -10.54
C VAL B 230 29.00 -3.31 -11.97
N GLU B 231 29.73 -4.41 -12.13
CA GLU B 231 30.03 -4.90 -13.47
C GLU B 231 29.65 -6.36 -13.59
N PRO B 232 29.52 -6.84 -14.84
CA PRO B 232 29.16 -8.21 -15.23
C PRO B 232 30.23 -9.25 -14.92
N GLU C 1 -24.12 -6.49 14.01
CA GLU C 1 -24.78 -5.40 14.77
C GLU C 1 -25.03 -4.21 13.85
N LEU C 2 -26.15 -3.53 14.06
CA LEU C 2 -26.47 -2.39 13.22
C LEU C 2 -25.73 -1.13 13.58
N ASP C 3 -25.51 -0.30 12.56
CA ASP C 3 -24.85 0.98 12.73
C ASP C 3 -25.74 1.83 13.63
N LYS C 4 -25.17 2.91 14.15
CA LYS C 4 -25.86 3.82 15.03
C LYS C 4 -27.13 4.44 14.47
N TRP C 5 -27.10 4.89 13.22
CA TRP C 5 -28.28 5.53 12.66
C TRP C 5 -29.26 4.62 11.88
#